data_5MYC
#
_entry.id   5MYC
#
_cell.length_a   82.517
_cell.length_b   112.411
_cell.length_c   62.689
_cell.angle_alpha   90.00
_cell.angle_beta   90.00
_cell.angle_gamma   90.00
#
_symmetry.space_group_name_H-M   'C 2 2 21'
#
loop_
_entity.id
_entity.type
_entity.pdbx_description
1 polymer '14-3-3 protein sigma'
2 polymer 'Leucine-rich repeat serine/threonine-protein kinase 2'
3 non-polymer 'CALCIUM ION'
4 non-polymer 'CHLORIDE ION'
5 non-polymer 'SODIUM ION'
6 water water
#
loop_
_entity_poly.entity_id
_entity_poly.type
_entity_poly.pdbx_seq_one_letter_code
_entity_poly.pdbx_strand_id
1 'polypeptide(L)'
;GAMGSMERASLIQKAKLAEQAERYEDMAAFMKGAVEKGEELSCEERNLLSVAYKNVVGGQRAAWRVLSSIEQKSNEEGSE
EKGPEVREYREKVETELQGVCDTVLGLLDSHLIKEAGDAESRVFYLKMKGDYYRYLAEVATGDDKKRIIDSARSAYQEAM
DISKKEMPPTNPIRLGLALNFSVFHYEIANSPEEAISLAKTTFDEAMADLHTLSEDSYKDSTLIMQLLRDNLTLWT
;
A
2 'polypeptide(L)' VKKKSN(SEP)ISVGEFYRDAVLQRCSPNLQRHSN(SEP)LGPIFD P
#
loop_
_chem_comp.id
_chem_comp.type
_chem_comp.name
_chem_comp.formula
CA non-polymer 'CALCIUM ION' 'Ca 2'
CL non-polymer 'CHLORIDE ION' 'Cl -1'
NA non-polymer 'SODIUM ION' 'Na 1'
#
# COMPACT_ATOMS: atom_id res chain seq x y z
N GLY A 1 -23.00 -10.10 -2.69
CA GLY A 1 -21.77 -10.59 -2.09
C GLY A 1 -22.03 -11.74 -1.16
N ALA A 2 -21.08 -12.69 -1.10
CA ALA A 2 -21.23 -13.86 -0.24
C ALA A 2 -21.22 -13.52 1.24
N MET A 3 -20.73 -12.34 1.61
CA MET A 3 -20.78 -11.90 3.01
C MET A 3 -22.03 -11.10 3.34
N GLY A 4 -22.96 -10.97 2.39
CA GLY A 4 -24.11 -10.11 2.61
C GLY A 4 -25.01 -10.55 3.75
N SER A 5 -25.00 -11.83 4.09
CA SER A 5 -25.87 -12.33 5.15
CA SER A 5 -25.87 -12.34 5.15
C SER A 5 -25.21 -12.33 6.53
N MET A 6 -23.94 -11.97 6.63
CA MET A 6 -23.24 -12.01 7.91
C MET A 6 -23.25 -10.64 8.58
N GLU A 7 -23.44 -10.63 9.89
CA GLU A 7 -23.41 -9.39 10.67
C GLU A 7 -22.07 -8.69 10.52
N ARG A 8 -22.12 -7.36 10.47
CA ARG A 8 -20.88 -6.57 10.42
C ARG A 8 -19.94 -6.95 11.56
N ALA A 9 -20.47 -7.05 12.78
CA ALA A 9 -19.60 -7.35 13.92
C ALA A 9 -18.99 -8.74 13.79
N SER A 10 -19.75 -9.70 13.22
CA SER A 10 -19.24 -11.05 13.01
C SER A 10 -18.15 -11.08 11.95
N LEU A 11 -18.29 -10.27 10.90
CA LEU A 11 -17.24 -10.19 9.89
C LEU A 11 -15.95 -9.64 10.49
N ILE A 12 -16.04 -8.62 11.35
CA ILE A 12 -14.84 -8.05 11.98
C ILE A 12 -14.22 -9.07 12.93
N GLN A 13 -15.05 -9.78 13.71
CA GLN A 13 -14.54 -10.81 14.60
C GLN A 13 -13.81 -11.89 13.82
N LYS A 14 -14.39 -12.31 12.69
CA LYS A 14 -13.76 -13.35 11.89
C LYS A 14 -12.52 -12.85 11.17
N ALA A 15 -12.48 -11.57 10.79
CA ALA A 15 -11.25 -11.04 10.21
C ALA A 15 -10.11 -11.15 11.22
N LYS A 16 -10.40 -10.91 12.50
CA LYS A 16 -9.36 -10.99 13.51
C LYS A 16 -8.92 -12.44 13.72
N LEU A 17 -9.87 -13.38 13.68
CA LEU A 17 -9.51 -14.80 13.75
C LEU A 17 -8.66 -15.20 12.55
N ALA A 18 -9.05 -14.76 11.35
CA ALA A 18 -8.27 -15.08 10.15
C ALA A 18 -6.86 -14.53 10.27
N GLU A 19 -6.71 -13.32 10.81
CA GLU A 19 -5.38 -12.76 11.03
C GLU A 19 -4.55 -13.66 11.93
N GLN A 20 -5.14 -14.14 13.02
CA GLN A 20 -4.39 -15.02 13.93
C GLN A 20 -3.98 -16.31 13.24
N ALA A 21 -4.81 -16.81 12.33
CA ALA A 21 -4.52 -18.03 11.58
C ALA A 21 -3.69 -17.79 10.32
N GLU A 22 -3.30 -16.55 10.06
CA GLU A 22 -2.56 -16.17 8.84
C GLU A 22 -3.31 -16.58 7.58
N ARG A 23 -4.64 -16.43 7.62
CA ARG A 23 -5.51 -16.73 6.48
C ARG A 23 -5.93 -15.39 5.88
N TYR A 24 -5.01 -14.80 5.13
CA TYR A 24 -5.19 -13.42 4.71
CA TYR A 24 -5.17 -13.42 4.70
C TYR A 24 -6.21 -13.26 3.59
N GLU A 25 -6.35 -14.27 2.72
CA GLU A 25 -7.42 -14.22 1.73
CA GLU A 25 -7.42 -14.22 1.73
C GLU A 25 -8.78 -14.17 2.41
N ASP A 26 -9.00 -15.05 3.40
CA ASP A 26 -10.23 -15.00 4.19
C ASP A 26 -10.38 -13.65 4.88
N MET A 27 -9.29 -13.16 5.46
CA MET A 27 -9.34 -11.89 6.19
C MET A 27 -9.81 -10.78 5.26
N ALA A 28 -9.27 -10.75 4.03
CA ALA A 28 -9.65 -9.72 3.07
C ALA A 28 -11.11 -9.85 2.68
N ALA A 29 -11.58 -11.07 2.44
CA ALA A 29 -12.98 -11.26 2.09
C ALA A 29 -13.91 -10.82 3.22
N PHE A 30 -13.53 -11.10 4.47
CA PHE A 30 -14.34 -10.64 5.60
C PHE A 30 -14.37 -9.12 5.66
N MET A 31 -13.20 -8.47 5.51
CA MET A 31 -13.15 -7.02 5.60
C MET A 31 -13.86 -6.35 4.42
N LYS A 32 -13.79 -6.94 3.22
CA LYS A 32 -14.57 -6.44 2.10
C LYS A 32 -16.06 -6.49 2.43
N GLY A 33 -16.50 -7.62 2.99
CA GLY A 33 -17.88 -7.71 3.45
C GLY A 33 -18.23 -6.63 4.46
N ALA A 34 -17.33 -6.35 5.40
CA ALA A 34 -17.62 -5.31 6.38
C ALA A 34 -17.71 -3.93 5.74
N VAL A 35 -16.81 -3.62 4.81
CA VAL A 35 -16.89 -2.34 4.10
C VAL A 35 -18.22 -2.22 3.39
N GLU A 36 -18.66 -3.31 2.76
CA GLU A 36 -19.88 -3.25 1.95
C GLU A 36 -21.14 -3.10 2.78
N LYS A 37 -21.05 -3.18 4.12
CA LYS A 37 -22.20 -2.83 4.94
C LYS A 37 -22.53 -1.36 4.84
N GLY A 38 -21.57 -0.53 4.38
CA GLY A 38 -21.86 0.86 4.10
C GLY A 38 -21.54 1.83 5.22
N GLU A 39 -21.24 1.35 6.41
CA GLU A 39 -20.83 2.24 7.50
C GLU A 39 -19.35 2.58 7.39
N GLU A 40 -18.98 3.74 7.93
CA GLU A 40 -17.57 4.12 7.99
C GLU A 40 -16.80 3.14 8.88
N LEU A 41 -15.49 3.09 8.68
CA LEU A 41 -14.62 2.18 9.43
C LEU A 41 -13.93 2.93 10.55
N SER A 42 -13.81 2.29 11.70
CA SER A 42 -13.01 2.81 12.78
C SER A 42 -11.52 2.68 12.45
N CYS A 43 -10.68 3.26 13.31
CA CYS A 43 -9.24 3.17 13.07
C CYS A 43 -8.78 1.72 13.05
N GLU A 44 -9.24 0.92 14.00
CA GLU A 44 -8.84 -0.49 14.04
C GLU A 44 -9.33 -1.24 12.81
N GLU A 45 -10.56 -0.97 12.38
CA GLU A 45 -11.10 -1.62 11.20
C GLU A 45 -10.33 -1.24 9.93
N ARG A 46 -9.95 0.03 9.79
CA ARG A 46 -9.09 0.42 8.67
C ARG A 46 -7.79 -0.36 8.68
N ASN A 47 -7.19 -0.53 9.87
CA ASN A 47 -5.94 -1.30 9.95
C ASN A 47 -6.17 -2.75 9.53
N LEU A 48 -7.31 -3.34 9.91
CA LEU A 48 -7.59 -4.72 9.52
C LEU A 48 -7.72 -4.85 8.00
N LEU A 49 -8.42 -3.90 7.38
CA LEU A 49 -8.57 -3.90 5.93
C LEU A 49 -7.21 -3.80 5.25
N SER A 50 -6.36 -2.90 5.74
CA SER A 50 -5.04 -2.69 5.16
C SER A 50 -4.15 -3.92 5.31
N VAL A 51 -4.10 -4.51 6.51
CA VAL A 51 -3.28 -5.71 6.74
C VAL A 51 -3.70 -6.81 5.78
N ALA A 52 -5.00 -7.03 5.67
CA ALA A 52 -5.51 -8.16 4.90
C ALA A 52 -5.08 -8.05 3.44
N TYR A 53 -5.37 -6.91 2.81
CA TYR A 53 -5.05 -6.78 1.40
C TYR A 53 -3.55 -6.65 1.14
N LYS A 54 -2.81 -6.07 2.07
CA LYS A 54 -1.36 -5.96 1.90
C LYS A 54 -0.73 -7.35 1.81
N ASN A 55 -1.20 -8.27 2.64
CA ASN A 55 -0.66 -9.61 2.63
C ASN A 55 -1.09 -10.36 1.37
N VAL A 56 -2.34 -10.23 0.94
CA VAL A 56 -2.78 -10.88 -0.29
C VAL A 56 -1.96 -10.38 -1.47
N VAL A 57 -1.93 -9.06 -1.66
CA VAL A 57 -1.23 -8.52 -2.83
C VAL A 57 0.27 -8.73 -2.71
N GLY A 58 0.80 -8.80 -1.47
CA GLY A 58 2.22 -9.05 -1.30
C GLY A 58 2.63 -10.41 -1.81
N GLY A 59 1.82 -11.43 -1.55
CA GLY A 59 2.09 -12.74 -2.12
C GLY A 59 2.05 -12.72 -3.64
N GLN A 60 1.07 -12.01 -4.21
CA GLN A 60 0.96 -11.94 -5.66
C GLN A 60 2.15 -11.21 -6.28
N ARG A 61 2.57 -10.10 -5.68
CA ARG A 61 3.71 -9.35 -6.20
C ARG A 61 4.98 -10.18 -6.16
N ALA A 62 5.21 -10.90 -5.06
CA ALA A 62 6.40 -11.74 -4.96
C ALA A 62 6.39 -12.82 -6.03
N ALA A 63 5.23 -13.44 -6.27
CA ALA A 63 5.15 -14.46 -7.30
C ALA A 63 5.34 -13.87 -8.69
N TRP A 64 4.73 -12.70 -8.94
CA TRP A 64 4.87 -12.04 -10.23
C TRP A 64 6.33 -11.73 -10.52
N ARG A 65 7.08 -11.30 -9.51
CA ARG A 65 8.49 -10.97 -9.72
C ARG A 65 9.30 -12.21 -10.05
N VAL A 66 9.00 -13.35 -9.42
CA VAL A 66 9.69 -14.58 -9.75
C VAL A 66 9.42 -14.96 -11.19
N LEU A 67 8.15 -14.91 -11.60
CA LEU A 67 7.75 -15.32 -12.93
C LEU A 67 8.28 -14.36 -13.99
N SER A 68 8.25 -13.05 -13.70
CA SER A 68 8.77 -12.06 -14.63
CA SER A 68 8.77 -12.06 -14.63
C SER A 68 10.26 -12.25 -14.86
N SER A 69 11.00 -12.57 -13.80
CA SER A 69 12.43 -12.80 -13.95
CA SER A 69 12.43 -12.80 -13.93
C SER A 69 12.71 -14.03 -14.80
N ILE A 70 11.97 -15.11 -14.59
CA ILE A 70 12.13 -16.30 -15.43
C ILE A 70 11.81 -15.97 -16.87
N GLU A 71 10.76 -15.18 -17.09
CA GLU A 71 10.37 -14.81 -18.44
C GLU A 71 11.44 -13.97 -19.13
N GLN A 72 12.03 -13.04 -18.42
CA GLN A 72 13.04 -12.20 -18.99
C GLN A 72 14.26 -13.05 -19.37
N LYS A 73 14.64 -13.96 -18.55
CA LYS A 73 15.78 -14.82 -18.86
C LYS A 73 15.50 -15.66 -20.10
N SER A 74 14.25 -16.12 -20.27
CA SER A 74 13.90 -16.91 -21.45
C SER A 74 13.98 -16.11 -22.73
N ASN A 75 14.00 -14.77 -22.64
CA ASN A 75 14.08 -13.91 -23.80
C ASN A 75 15.48 -13.39 -24.06
N GLU A 76 16.48 -13.93 -23.41
CA GLU A 76 17.84 -13.53 -23.68
C GLU A 76 18.39 -14.41 -24.77
N GLU A 77 19.31 -13.89 -25.57
CA GLU A 77 19.92 -14.73 -26.61
C GLU A 77 20.54 -16.00 -26.03
N GLY A 78 20.45 -17.10 -26.76
CA GLY A 78 21.04 -18.33 -26.29
C GLY A 78 20.12 -19.15 -25.43
N SER A 79 18.97 -18.57 -25.16
CA SER A 79 18.00 -19.27 -24.33
C SER A 79 17.16 -20.21 -25.20
N GLU A 80 16.98 -21.43 -24.72
CA GLU A 80 16.19 -22.42 -25.44
C GLU A 80 14.71 -22.05 -25.39
N GLU A 81 14.03 -22.18 -26.53
CA GLU A 81 12.62 -21.84 -26.59
C GLU A 81 11.80 -22.89 -25.85
N LYS A 82 10.95 -22.45 -24.93
CA LYS A 82 10.17 -23.35 -24.10
C LYS A 82 8.67 -23.22 -24.31
N GLY A 83 8.23 -22.40 -25.27
CA GLY A 83 6.82 -22.25 -25.56
C GLY A 83 6.18 -21.11 -24.80
N PRO A 84 4.84 -21.05 -24.84
CA PRO A 84 4.12 -19.91 -24.26
C PRO A 84 3.87 -20.02 -22.77
N GLU A 85 4.29 -21.10 -22.11
CA GLU A 85 3.80 -21.38 -20.76
C GLU A 85 4.25 -20.35 -19.74
N VAL A 86 5.50 -19.86 -19.83
CA VAL A 86 5.98 -18.89 -18.86
C VAL A 86 5.18 -17.60 -18.95
N ARG A 87 5.00 -17.11 -20.18
CA ARG A 87 4.20 -15.90 -20.39
C ARG A 87 2.76 -16.12 -19.92
N GLU A 88 2.17 -17.26 -20.28
CA GLU A 88 0.79 -17.52 -19.88
C GLU A 88 0.64 -17.50 -18.37
N TYR A 89 1.56 -18.13 -17.65
CA TYR A 89 1.41 -18.22 -16.21
C TYR A 89 1.72 -16.88 -15.53
N ARG A 90 2.72 -16.16 -16.04
CA ARG A 90 2.94 -14.80 -15.55
C ARG A 90 1.70 -13.94 -15.78
N GLU A 91 1.05 -14.08 -16.95
CA GLU A 91 -0.17 -13.34 -17.22
CA GLU A 91 -0.17 -13.33 -17.22
C GLU A 91 -1.29 -13.73 -16.27
N LYS A 92 -1.37 -15.01 -15.91
CA LYS A 92 -2.42 -15.46 -14.99
CA LYS A 92 -2.41 -15.45 -14.98
C LYS A 92 -2.24 -14.79 -13.63
N VAL A 93 -1.02 -14.83 -13.10
CA VAL A 93 -0.75 -14.21 -11.81
C VAL A 93 -0.97 -12.70 -11.88
N GLU A 94 -0.50 -12.08 -12.97
CA GLU A 94 -0.68 -10.64 -13.16
C GLU A 94 -2.15 -10.26 -13.17
N THR A 95 -2.98 -11.04 -13.86
CA THR A 95 -4.41 -10.72 -13.92
C THR A 95 -5.06 -10.84 -12.55
N GLU A 96 -4.66 -11.84 -11.77
CA GLU A 96 -5.19 -11.98 -10.41
CA GLU A 96 -5.21 -11.96 -10.42
C GLU A 96 -4.77 -10.81 -9.53
N LEU A 97 -3.49 -10.41 -9.63
CA LEU A 97 -2.99 -9.25 -8.92
C LEU A 97 -3.77 -8.00 -9.29
N GLN A 98 -3.96 -7.76 -10.60
CA GLN A 98 -4.73 -6.61 -11.04
C GLN A 98 -6.15 -6.66 -10.49
N GLY A 99 -6.72 -7.86 -10.40
CA GLY A 99 -8.06 -7.99 -9.84
C GLY A 99 -8.14 -7.58 -8.38
N VAL A 100 -7.14 -7.95 -7.59
CA VAL A 100 -7.11 -7.57 -6.18
C VAL A 100 -6.97 -6.06 -6.05
N CYS A 101 -6.06 -5.46 -6.83
CA CYS A 101 -5.91 -4.00 -6.80
C CYS A 101 -7.20 -3.31 -7.18
N ASP A 102 -7.86 -3.78 -8.24
CA ASP A 102 -9.13 -3.19 -8.66
C ASP A 102 -10.18 -3.33 -7.57
N THR A 103 -10.16 -4.46 -6.84
CA THR A 103 -11.11 -4.64 -5.75
C THR A 103 -10.90 -3.59 -4.67
N VAL A 104 -9.64 -3.40 -4.26
CA VAL A 104 -9.34 -2.42 -3.23
C VAL A 104 -9.71 -1.02 -3.69
N LEU A 105 -9.28 -0.66 -4.91
CA LEU A 105 -9.59 0.66 -5.44
C LEU A 105 -11.09 0.88 -5.51
N GLY A 106 -11.83 -0.19 -5.84
CA GLY A 106 -13.28 -0.07 -5.90
C GLY A 106 -13.90 0.19 -4.53
N LEU A 107 -13.37 -0.45 -3.49
CA LEU A 107 -13.86 -0.18 -2.15
C LEU A 107 -13.58 1.26 -1.74
N LEU A 108 -12.38 1.76 -2.07
CA LEU A 108 -12.06 3.13 -1.74
C LEU A 108 -12.96 4.10 -2.48
N ASP A 109 -13.29 3.78 -3.74
CA ASP A 109 -14.14 4.67 -4.54
C ASP A 109 -15.62 4.52 -4.23
N SER A 110 -16.03 3.43 -3.57
CA SER A 110 -17.44 3.15 -3.34
C SER A 110 -17.62 2.53 -1.95
N HIS A 111 -17.58 3.34 -0.89
CA HIS A 111 -17.52 4.80 -0.94
C HIS A 111 -16.66 5.32 0.21
N LEU A 112 -15.56 4.63 0.50
CA LEU A 112 -14.79 4.96 1.69
C LEU A 112 -14.23 6.38 1.64
N ILE A 113 -13.61 6.77 0.53
CA ILE A 113 -12.94 8.08 0.46
C ILE A 113 -13.96 9.21 0.57
N LYS A 114 -15.07 9.11 -0.17
CA LYS A 114 -16.00 10.24 -0.19
C LYS A 114 -16.62 10.49 1.18
N GLU A 115 -16.72 9.48 2.04
CA GLU A 115 -17.28 9.65 3.38
CA GLU A 115 -17.29 9.70 3.37
C GLU A 115 -16.23 10.01 4.42
N ALA A 116 -14.94 9.97 4.08
CA ALA A 116 -13.86 10.16 5.04
C ALA A 116 -13.56 11.65 5.19
N GLY A 117 -13.91 12.21 6.33
CA GLY A 117 -13.73 13.63 6.58
C GLY A 117 -12.58 13.97 7.50
N ASP A 118 -12.28 13.09 8.45
CA ASP A 118 -11.20 13.35 9.38
C ASP A 118 -9.87 13.06 8.70
N ALA A 119 -8.85 13.82 9.10
CA ALA A 119 -7.54 13.65 8.46
C ALA A 119 -7.02 12.22 8.56
N GLU A 120 -7.23 11.58 9.72
CA GLU A 120 -6.65 10.26 9.93
C GLU A 120 -7.27 9.21 9.01
N SER A 121 -8.57 9.33 8.73
CA SER A 121 -9.19 8.40 7.80
CA SER A 121 -9.20 8.41 7.81
CA SER A 121 -9.21 8.41 7.81
C SER A 121 -8.91 8.78 6.36
N ARG A 122 -9.03 10.06 6.02
CA ARG A 122 -8.86 10.49 4.63
C ARG A 122 -7.44 10.24 4.14
N VAL A 123 -6.43 10.61 4.94
CA VAL A 123 -5.05 10.36 4.55
C VAL A 123 -4.78 8.87 4.42
N PHE A 124 -5.30 8.06 5.35
CA PHE A 124 -5.13 6.61 5.27
C PHE A 124 -5.66 6.05 3.95
N TYR A 125 -6.88 6.43 3.58
CA TYR A 125 -7.49 5.87 2.37
C TYR A 125 -6.78 6.38 1.12
N LEU A 126 -6.37 7.65 1.10
CA LEU A 126 -5.69 8.17 -0.08
C LEU A 126 -4.31 7.54 -0.24
N LYS A 127 -3.62 7.28 0.87
CA LYS A 127 -2.37 6.52 0.79
C LYS A 127 -2.62 5.14 0.20
N MET A 128 -3.67 4.46 0.66
CA MET A 128 -4.02 3.17 0.10
CA MET A 128 -4.00 3.16 0.09
C MET A 128 -4.27 3.26 -1.40
N LYS A 129 -4.99 4.31 -1.83
CA LYS A 129 -5.25 4.49 -3.25
C LYS A 129 -3.96 4.66 -4.03
N GLY A 130 -3.03 5.45 -3.50
CA GLY A 130 -1.72 5.55 -4.11
C GLY A 130 -0.98 4.22 -4.16
N ASP A 131 -1.02 3.46 -3.05
CA ASP A 131 -0.32 2.18 -2.99
C ASP A 131 -0.84 1.21 -4.04
N TYR A 132 -2.17 1.12 -4.16
CA TYR A 132 -2.72 0.10 -5.08
C TYR A 132 -2.59 0.51 -6.54
N TYR A 133 -2.63 1.82 -6.85
CA TYR A 133 -2.23 2.23 -8.19
C TYR A 133 -0.74 1.96 -8.42
N ARG A 134 0.09 2.11 -7.38
CA ARG A 134 1.52 1.81 -7.54
C ARG A 134 1.73 0.34 -7.87
N TYR A 135 0.97 -0.56 -7.22
CA TYR A 135 1.11 -1.98 -7.52
C TYR A 135 0.65 -2.27 -8.95
N LEU A 136 -0.43 -1.62 -9.40
CA LEU A 136 -0.79 -1.72 -10.82
C LEU A 136 0.32 -1.21 -11.73
N ALA A 137 0.99 -0.13 -11.32
CA ALA A 137 2.05 0.41 -12.17
C ALA A 137 3.24 -0.54 -12.28
N GLU A 138 3.51 -1.32 -11.23
CA GLU A 138 4.66 -2.24 -11.25
C GLU A 138 4.55 -3.24 -12.39
N VAL A 139 3.33 -3.59 -12.79
CA VAL A 139 3.12 -4.59 -13.84
C VAL A 139 2.64 -3.98 -15.15
N ALA A 140 2.41 -2.67 -15.18
CA ALA A 140 1.86 -2.03 -16.38
C ALA A 140 2.92 -1.85 -17.44
N THR A 141 2.54 -2.11 -18.69
CA THR A 141 3.44 -1.96 -19.84
C THR A 141 2.77 -1.32 -21.04
N GLY A 142 1.45 -1.18 -21.05
CA GLY A 142 0.70 -0.75 -22.22
C GLY A 142 0.41 0.74 -22.26
N ASP A 143 -0.64 1.10 -23.00
CA ASP A 143 -0.95 2.50 -23.23
C ASP A 143 -1.43 3.24 -21.99
N ASP A 144 -1.73 2.52 -20.90
CA ASP A 144 -2.24 3.16 -19.69
C ASP A 144 -1.21 3.22 -18.56
N LYS A 145 0.04 2.82 -18.82
CA LYS A 145 1.07 2.92 -17.79
C LYS A 145 1.21 4.36 -17.29
N LYS A 146 1.29 5.33 -18.21
CA LYS A 146 1.40 6.72 -17.79
C LYS A 146 0.21 7.15 -16.95
N ARG A 147 -1.00 6.74 -17.34
CA ARG A 147 -2.17 7.19 -16.60
C ARG A 147 -2.25 6.50 -15.24
N ILE A 148 -1.82 5.24 -15.15
CA ILE A 148 -1.79 4.56 -13.85
C ILE A 148 -0.81 5.25 -12.92
N ILE A 149 0.37 5.60 -13.43
CA ILE A 149 1.38 6.31 -12.64
C ILE A 149 0.84 7.65 -12.17
N ASP A 150 0.16 8.40 -13.06
CA ASP A 150 -0.40 9.68 -12.64
C ASP A 150 -1.51 9.51 -11.61
N SER A 151 -2.31 8.44 -11.70
CA SER A 151 -3.32 8.18 -10.68
C SER A 151 -2.68 7.93 -9.32
N ALA A 152 -1.59 7.16 -9.29
CA ALA A 152 -0.89 6.95 -8.02
C ALA A 152 -0.35 8.26 -7.48
N ARG A 153 0.33 9.03 -8.35
CA ARG A 153 0.90 10.30 -7.94
CA ARG A 153 0.90 10.30 -7.94
C ARG A 153 -0.16 11.24 -7.37
N SER A 154 -1.27 11.37 -8.06
CA SER A 154 -2.33 12.22 -7.59
C SER A 154 -2.90 11.84 -6.23
N ALA A 155 -3.10 10.56 -6.01
CA ALA A 155 -3.62 10.14 -4.71
C ALA A 155 -2.62 10.42 -3.61
N TYR A 156 -1.34 10.07 -3.84
CA TYR A 156 -0.31 10.36 -2.86
C TYR A 156 -0.22 11.86 -2.59
N GLN A 157 -0.33 12.68 -3.64
CA GLN A 157 -0.16 14.12 -3.47
C GLN A 157 -1.28 14.71 -2.64
N GLU A 158 -2.53 14.29 -2.90
CA GLU A 158 -3.63 14.78 -2.06
CA GLU A 158 -3.64 14.75 -2.07
C GLU A 158 -3.45 14.36 -0.61
N ALA A 159 -3.01 13.11 -0.38
CA ALA A 159 -2.76 12.64 0.96
C ALA A 159 -1.65 13.46 1.62
N MET A 160 -0.60 13.77 0.87
CA MET A 160 0.49 14.57 1.42
CA MET A 160 0.49 14.57 1.42
C MET A 160 0.01 15.96 1.80
N ASP A 161 -0.78 16.59 0.93
CA ASP A 161 -1.24 17.94 1.22
C ASP A 161 -2.06 17.97 2.51
N ILE A 162 -2.97 17.01 2.68
CA ILE A 162 -3.77 16.97 3.90
C ILE A 162 -2.90 16.69 5.11
N SER A 163 -2.00 15.71 4.99
CA SER A 163 -1.19 15.30 6.13
C SER A 163 -0.32 16.44 6.63
N LYS A 164 0.22 17.25 5.71
CA LYS A 164 1.08 18.35 6.12
C LYS A 164 0.31 19.45 6.82
N LYS A 165 -0.96 19.64 6.44
CA LYS A 165 -1.78 20.68 7.06
CA LYS A 165 -1.77 20.68 7.07
C LYS A 165 -2.38 20.22 8.39
N GLU A 166 -2.71 18.93 8.51
CA GLU A 166 -3.55 18.47 9.61
C GLU A 166 -2.88 17.53 10.62
N MET A 167 -1.67 17.04 10.35
CA MET A 167 -1.08 16.08 11.27
C MET A 167 0.32 16.52 11.65
N PRO A 168 0.79 16.12 12.84
CA PRO A 168 2.15 16.44 13.23
C PRO A 168 3.15 15.61 12.41
N PRO A 169 4.39 16.09 12.27
CA PRO A 169 5.36 15.37 11.44
C PRO A 169 5.72 13.99 11.95
N THR A 170 5.39 13.66 13.21
CA THR A 170 5.67 12.34 13.74
C THR A 170 4.50 11.38 13.60
N ASN A 171 3.36 11.84 13.09
CA ASN A 171 2.20 10.97 13.03
C ASN A 171 2.51 9.74 12.16
N PRO A 172 2.29 8.52 12.67
CA PRO A 172 2.68 7.33 11.89
C PRO A 172 2.01 7.23 10.52
N ILE A 173 0.77 7.71 10.38
CA ILE A 173 0.14 7.69 9.07
C ILE A 173 0.88 8.62 8.11
N ARG A 174 1.20 9.82 8.58
CA ARG A 174 1.96 10.76 7.78
C ARG A 174 3.33 10.19 7.42
N LEU A 175 4.00 9.56 8.38
CA LEU A 175 5.32 8.99 8.12
C LEU A 175 5.25 7.84 7.11
N GLY A 176 4.27 6.95 7.26
CA GLY A 176 4.15 5.84 6.33
C GLY A 176 3.77 6.29 4.93
N LEU A 177 2.93 7.32 4.85
CA LEU A 177 2.61 7.92 3.56
C LEU A 177 3.85 8.46 2.89
N ALA A 178 4.66 9.24 3.62
CA ALA A 178 5.87 9.80 3.03
C ALA A 178 6.85 8.70 2.62
N LEU A 179 7.01 7.67 3.45
CA LEU A 179 7.84 6.53 3.08
C LEU A 179 7.39 5.94 1.74
N ASN A 180 6.09 5.65 1.61
CA ASN A 180 5.61 4.99 0.39
C ASN A 180 5.65 5.91 -0.82
N PHE A 181 5.37 7.21 -0.64
CA PHE A 181 5.50 8.14 -1.76
C PHE A 181 6.95 8.24 -2.22
N SER A 182 7.88 8.20 -1.27
CA SER A 182 9.29 8.19 -1.63
CA SER A 182 9.29 8.20 -1.65
C SER A 182 9.65 6.96 -2.45
N VAL A 183 9.08 5.80 -2.09
CA VAL A 183 9.31 4.58 -2.87
C VAL A 183 8.71 4.72 -4.25
N PHE A 184 7.51 5.31 -4.34
CA PHE A 184 6.92 5.61 -5.64
C PHE A 184 7.89 6.42 -6.50
N HIS A 185 8.46 7.49 -5.94
CA HIS A 185 9.38 8.31 -6.72
C HIS A 185 10.59 7.52 -7.20
N TYR A 186 11.13 6.65 -6.33
CA TYR A 186 12.36 5.93 -6.65
C TYR A 186 12.11 4.81 -7.65
N GLU A 187 11.05 4.02 -7.41
CA GLU A 187 10.85 2.77 -8.13
C GLU A 187 9.93 2.89 -9.34
N ILE A 188 9.00 3.84 -9.33
CA ILE A 188 7.99 3.96 -10.36
C ILE A 188 8.23 5.18 -11.25
N ALA A 189 8.49 6.34 -10.65
CA ALA A 189 8.51 7.60 -11.37
C ALA A 189 9.90 8.00 -11.88
N ASN A 190 10.90 7.16 -11.71
CA ASN A 190 12.25 7.46 -12.21
C ASN A 190 12.78 8.77 -11.64
N SER A 191 12.45 9.03 -10.37
CA SER A 191 12.79 10.29 -9.71
C SER A 191 13.55 10.01 -8.41
N PRO A 192 14.74 9.41 -8.48
CA PRO A 192 15.48 9.10 -7.25
C PRO A 192 15.84 10.32 -6.43
N GLU A 193 16.12 11.46 -7.06
CA GLU A 193 16.43 12.65 -6.27
C GLU A 193 15.22 13.11 -5.46
N GLU A 194 14.02 13.08 -6.05
CA GLU A 194 12.82 13.42 -5.30
C GLU A 194 12.60 12.44 -4.15
N ALA A 195 12.85 11.16 -4.40
CA ALA A 195 12.71 10.13 -3.35
C ALA A 195 13.64 10.43 -2.19
N ILE A 196 14.90 10.74 -2.48
CA ILE A 196 15.88 11.00 -1.43
C ILE A 196 15.51 12.27 -0.67
N SER A 197 15.15 13.34 -1.39
CA SER A 197 14.78 14.59 -0.73
CA SER A 197 14.78 14.59 -0.73
CA SER A 197 14.79 14.59 -0.72
C SER A 197 13.59 14.40 0.20
N LEU A 198 12.57 13.69 -0.27
CA LEU A 198 11.39 13.48 0.56
C LEU A 198 11.73 12.66 1.79
N ALA A 199 12.50 11.59 1.64
CA ALA A 199 12.84 10.77 2.80
C ALA A 199 13.65 11.56 3.82
N LYS A 200 14.60 12.37 3.35
CA LYS A 200 15.44 13.16 4.23
C LYS A 200 14.63 14.23 4.96
N THR A 201 13.83 15.00 4.22
CA THR A 201 13.01 16.04 4.86
C THR A 201 12.01 15.44 5.84
N THR A 202 11.39 14.32 5.48
CA THR A 202 10.45 13.68 6.39
C THR A 202 11.14 13.23 7.67
N PHE A 203 12.30 12.60 7.53
CA PHE A 203 13.04 12.14 8.70
C PHE A 203 13.42 13.31 9.61
N ASP A 204 13.96 14.38 9.02
CA ASP A 204 14.46 15.49 9.84
C ASP A 204 13.33 16.21 10.56
N GLU A 205 12.19 16.39 9.89
CA GLU A 205 11.06 17.05 10.54
C GLU A 205 10.45 16.20 11.64
N ALA A 206 10.47 14.88 11.47
CA ALA A 206 9.99 14.02 12.55
C ALA A 206 10.94 14.05 13.74
N MET A 207 12.25 13.95 13.47
CA MET A 207 13.25 14.03 14.53
C MET A 207 13.01 15.23 15.44
N ALA A 208 12.76 16.39 14.84
CA ALA A 208 12.60 17.63 15.60
C ALA A 208 11.33 17.65 16.43
N ASP A 209 10.37 16.76 16.17
CA ASP A 209 9.10 16.72 16.88
C ASP A 209 9.02 15.58 17.89
N LEU A 210 10.05 14.73 17.97
CA LEU A 210 10.00 13.58 18.87
C LEU A 210 9.88 14.00 20.33
N HIS A 211 10.40 15.18 20.68
CA HIS A 211 10.40 15.60 22.10
C HIS A 211 8.99 15.78 22.64
N THR A 212 7.98 15.93 21.77
CA THR A 212 6.61 16.15 22.21
C THR A 212 5.87 14.86 22.56
N LEU A 213 6.48 13.70 22.32
CA LEU A 213 5.79 12.42 22.33
C LEU A 213 5.97 11.66 23.63
N SER A 214 4.96 10.86 23.96
CA SER A 214 5.05 9.87 25.02
C SER A 214 5.99 8.75 24.60
N GLU A 215 6.36 7.90 25.57
CA GLU A 215 7.27 6.80 25.24
C GLU A 215 6.67 5.88 24.17
N ASP A 216 5.37 5.59 24.26
CA ASP A 216 4.77 4.66 23.30
C ASP A 216 4.69 5.27 21.90
N SER A 217 4.29 6.55 21.81
CA SER A 217 4.26 7.22 20.52
C SER A 217 5.67 7.38 19.95
N TYR A 218 6.65 7.64 20.82
CA TYR A 218 8.04 7.73 20.39
CA TYR A 218 8.04 7.73 20.40
C TYR A 218 8.48 6.43 19.72
N LYS A 219 8.11 5.29 20.31
CA LYS A 219 8.48 4.00 19.71
C LYS A 219 7.81 3.82 18.36
N ASP A 220 6.53 4.18 18.24
CA ASP A 220 5.84 4.06 16.96
C ASP A 220 6.53 4.90 15.88
N SER A 221 6.80 6.16 16.20
CA SER A 221 7.34 7.07 15.18
C SER A 221 8.77 6.69 14.78
N THR A 222 9.61 6.32 15.75
CA THR A 222 10.99 6.01 15.43
C THR A 222 11.10 4.74 14.60
N LEU A 223 10.17 3.81 14.76
CA LEU A 223 10.18 2.60 13.96
CA LEU A 223 10.20 2.60 13.95
C LEU A 223 10.05 2.93 12.47
N ILE A 224 9.11 3.82 12.14
CA ILE A 224 8.93 4.17 10.73
C ILE A 224 10.07 5.06 10.25
N MET A 225 10.59 5.94 11.12
CA MET A 225 11.74 6.74 10.74
C MET A 225 12.94 5.87 10.37
N GLN A 226 13.10 4.72 11.03
CA GLN A 226 14.18 3.81 10.69
C GLN A 226 14.03 3.28 9.28
N LEU A 227 12.79 3.06 8.83
CA LEU A 227 12.58 2.63 7.45
C LEU A 227 13.00 3.70 6.45
N LEU A 228 12.74 4.98 6.76
CA LEU A 228 13.21 6.05 5.90
C LEU A 228 14.73 6.04 5.84
N ARG A 229 15.37 5.88 7.01
CA ARG A 229 16.82 5.83 7.05
CA ARG A 229 16.83 5.82 7.07
C ARG A 229 17.35 4.62 6.29
N ASP A 230 16.68 3.47 6.42
CA ASP A 230 17.11 2.28 5.69
C ASP A 230 17.07 2.52 4.19
N ASN A 231 16.03 3.22 3.70
CA ASN A 231 15.98 3.53 2.28
C ASN A 231 17.09 4.50 1.89
N LEU A 232 17.32 5.53 2.70
CA LEU A 232 18.39 6.48 2.39
C LEU A 232 19.74 5.78 2.32
N THR A 233 19.96 4.79 3.18
CA THR A 233 21.20 4.01 3.11
C THR A 233 21.30 3.21 1.81
N LEU A 234 20.17 2.63 1.36
CA LEU A 234 20.16 1.91 0.10
C LEU A 234 20.40 2.83 -1.07
N TRP A 235 19.86 4.05 -1.02
CA TRP A 235 19.81 4.95 -2.17
C TRP A 235 21.02 5.86 -2.29
N THR A 236 21.83 5.98 -1.24
CA THR A 236 22.94 6.92 -1.24
C THR A 236 24.25 6.25 -0.79
N LYS B 4 15.10 -4.23 -3.35
CA LYS B 4 13.80 -3.63 -3.13
C LYS B 4 13.84 -2.58 -2.03
N SER B 5 13.19 -1.44 -2.27
CA SER B 5 13.08 -0.41 -1.25
C SER B 5 12.05 -0.81 -0.22
N ASN B 6 12.20 -0.26 0.98
CA ASN B 6 11.29 -0.57 2.08
C ASN B 6 10.04 0.29 1.97
N SEP B 7 8.87 -0.36 1.90
CA SEP B 7 7.60 0.37 2.03
CB SEP B 7 6.70 0.09 0.83
OG SEP B 7 6.42 -1.29 0.78
C SEP B 7 6.92 -0.09 3.33
O SEP B 7 7.41 -1.00 4.00
P SEP B 7 5.49 -1.79 -0.43
O1P SEP B 7 5.29 -3.35 -0.12
O2P SEP B 7 4.10 -1.02 -0.39
O3P SEP B 7 6.24 -1.58 -1.81
N ILE B 8 5.78 0.51 3.68
CA ILE B 8 5.04 0.08 4.86
C ILE B 8 3.51 0.18 4.73
N SER B 9 2.79 -0.82 5.26
CA SER B 9 1.34 -0.76 5.41
C SER B 9 1.03 -0.26 6.82
N VAL B 10 0.24 0.81 6.91
CA VAL B 10 -0.06 1.40 8.21
C VAL B 10 -0.79 0.40 9.10
N GLY B 11 -1.74 -0.34 8.52
CA GLY B 11 -2.41 -1.39 9.29
C GLY B 11 -1.45 -2.43 9.81
N GLU B 12 -0.55 -2.90 8.94
CA GLU B 12 0.44 -3.90 9.37
C GLU B 12 1.32 -3.36 10.49
N PHE B 13 1.70 -2.09 10.41
CA PHE B 13 2.48 -1.46 11.46
C PHE B 13 1.72 -1.46 12.79
N TYR B 14 0.44 -1.09 12.75
CA TYR B 14 -0.37 -1.10 13.98
C TYR B 14 -0.74 -2.52 14.38
N ARG B 15 -1.34 -3.29 13.47
CA ARG B 15 -1.67 -4.68 13.77
C ARG B 15 -0.41 -5.52 13.84
CA CA C . -26.81 -5.95 11.26
CA CA D . 22.00 14.41 -7.18
CL CL E . -1.71 -20.43 -16.83
NA NA F . -8.96 10.49 -4.91
#